data_8S2N
#
_entry.id   8S2N
#
_cell.length_a   74.600
_cell.length_b   74.600
_cell.length_c   190.703
_cell.angle_alpha   90.000
_cell.angle_beta   90.000
_cell.angle_gamma   90.000
#
_symmetry.space_group_name_H-M   'P 41 21 2'
#
loop_
_entity.id
_entity.type
_entity.pdbx_description
1 polymer 'Immunity Protein TriX'
2 polymer 'Complete genome segment 11/17'
3 polymer 'Thioredoxin 1'
4 non-polymer DI(HYDROXYETHYL)ETHER
5 non-polymer 'SULFATE ION'
6 water water
#
loop_
_entity_poly.entity_id
_entity_poly.type
_entity_poly.pdbx_seq_one_letter_code
_entity_poly.pdbx_strand_id
1 'polypeptide(L)'
;MTDVDKRKIKIILNGEMEEAELHMITSPNRHCCLKIFHNNNQLAESNDTDYFSCFADLRNQLKNIIFLCKGAKINVYPSA
MSRDMSDGIVAYETTLGQPGLPENQVHIFDFEDKYVDITPEEQRKFHSQWFESLVDHHHHHH
;
A
2 'polypeptide(L)'
;MAGGIGNKGDYIITYRGDTRSFTEIFDKGFETLGPSKDLYKHALDNRAPPSDFVSTTIDPTKTISFATKYGQKSGYMYTM
KTNHGIDVNKALGARSPFAAEAEIAMPGGVRAEDILGARAVNADGEMWDYTILNPKRYGK
;
B
3 'polypeptide(L)'
;GASSDKIIHLTDDSFDTDVLKADGAILVDFWAEWCGPCKMIAPILDEIADEYQGKLTVAKLNIDQNPGTAPKYGIRGIPT
LLLFKNGEVAATKVGALSKGQLKEFLDANLA
;
C
#
loop_
_chem_comp.id
_chem_comp.type
_chem_comp.name
_chem_comp.formula
PEG non-polymer DI(HYDROXYETHYL)ETHER 'C4 H10 O3'
SO4 non-polymer 'SULFATE ION' 'O4 S -2'
#
# COMPACT_ATOMS: atom_id res chain seq x y z
N MET A 1 3.93 14.51 -10.00
CA MET A 1 4.40 14.79 -8.64
C MET A 1 5.73 14.12 -8.36
N THR A 2 6.63 14.87 -7.72
CA THR A 2 7.96 14.41 -7.35
C THR A 2 8.15 14.58 -5.85
N ASP A 3 8.54 13.52 -5.16
CA ASP A 3 8.83 13.57 -3.73
C ASP A 3 10.32 13.73 -3.49
N VAL A 4 10.67 14.44 -2.41
CA VAL A 4 12.07 14.66 -2.04
C VAL A 4 12.22 14.40 -0.55
N ASP A 5 12.96 13.34 -0.20
CA ASP A 5 13.29 13.02 1.17
C ASP A 5 14.77 13.25 1.42
N LYS A 6 15.11 13.47 2.68
CA LYS A 6 16.50 13.69 3.06
C LYS A 6 16.81 12.87 4.30
N ARG A 7 18.10 12.57 4.45
CA ARG A 7 18.53 11.64 5.48
C ARG A 7 20.02 11.86 5.72
N LYS A 8 20.41 11.98 6.99
CA LYS A 8 21.81 12.04 7.37
C LYS A 8 22.30 10.64 7.75
N ILE A 9 23.49 10.28 7.28
CA ILE A 9 24.14 9.02 7.60
C ILE A 9 25.58 9.28 8.02
N LYS A 10 26.20 8.27 8.64
CA LYS A 10 27.64 8.26 8.88
C LYS A 10 28.34 7.40 7.83
N ILE A 11 29.50 7.88 7.39
CA ILE A 11 30.37 7.13 6.47
C ILE A 11 31.78 7.17 7.02
N ILE A 12 32.59 6.18 6.64
CA ILE A 12 34.01 6.14 6.96
C ILE A 12 34.79 6.42 5.69
N LEU A 13 35.69 7.40 5.76
CA LEU A 13 36.51 7.82 4.64
C LEU A 13 37.90 8.13 5.18
N ASN A 14 38.91 7.39 4.72
CA ASN A 14 40.30 7.55 5.18
C ASN A 14 40.41 7.33 6.69
N GLY A 15 39.68 6.33 7.19
CA GLY A 15 39.61 6.11 8.62
C GLY A 15 38.89 7.20 9.40
N GLU A 16 38.33 8.21 8.72
CA GLU A 16 37.68 9.35 9.38
C GLU A 16 36.17 9.18 9.22
N MET A 17 35.49 8.86 10.32
CA MET A 17 34.04 8.84 10.31
C MET A 17 33.52 10.25 10.12
N GLU A 18 32.65 10.43 9.12
CA GLU A 18 32.09 11.74 8.85
C GLU A 18 30.64 11.61 8.45
N GLU A 19 29.90 12.70 8.64
CA GLU A 19 28.46 12.73 8.41
C GLU A 19 28.17 13.17 6.99
N ALA A 20 27.30 12.42 6.31
CA ALA A 20 26.88 12.74 4.96
C ALA A 20 25.38 12.98 4.93
N GLU A 21 24.93 13.72 3.92
CA GLU A 21 23.52 13.99 3.70
C GLU A 21 23.07 13.28 2.42
N LEU A 22 21.93 12.61 2.49
CA LEU A 22 21.32 11.99 1.33
C LEU A 22 20.07 12.76 0.92
N HIS A 23 19.92 12.97 -0.39
CA HIS A 23 18.67 13.45 -0.97
C HIS A 23 18.10 12.32 -1.83
N MET A 24 16.81 12.02 -1.62
CA MET A 24 16.09 10.98 -2.37
C MET A 24 14.99 11.65 -3.19
N ILE A 25 15.15 11.68 -4.51
CA ILE A 25 14.20 12.34 -5.40
C ILE A 25 13.40 11.24 -6.11
N THR A 26 12.14 11.04 -5.71
CA THR A 26 11.26 10.04 -6.32
C THR A 26 10.36 10.75 -7.34
N SER A 27 10.59 10.49 -8.61
CA SER A 27 9.86 11.11 -9.69
C SER A 27 8.93 10.09 -10.35
N PRO A 28 8.02 10.52 -11.24
CA PRO A 28 7.07 9.58 -11.83
C PRO A 28 7.74 8.46 -12.62
N ASN A 29 7.07 7.31 -12.63
CA ASN A 29 7.48 6.12 -13.39
C ASN A 29 8.68 5.43 -12.74
N ARG A 30 8.64 5.31 -11.41
CA ARG A 30 9.63 4.56 -10.65
C ARG A 30 11.06 5.06 -10.88
N HIS A 31 11.25 6.34 -11.15
CA HIS A 31 12.60 6.89 -11.25
C HIS A 31 13.01 7.35 -9.86
N CYS A 32 14.03 6.72 -9.30
CA CYS A 32 14.61 7.11 -8.02
C CYS A 32 15.99 7.67 -8.24
N CYS A 33 16.27 8.83 -7.63
CA CYS A 33 17.57 9.48 -7.72
C CYS A 33 18.14 9.66 -6.32
N LEU A 34 19.35 9.15 -6.11
CA LEU A 34 20.02 9.22 -4.82
C LEU A 34 21.23 10.14 -4.94
N LYS A 35 21.21 11.27 -4.25
CA LYS A 35 22.38 12.14 -4.17
C LYS A 35 22.94 12.11 -2.77
N ILE A 36 24.27 12.20 -2.68
CA ILE A 36 24.98 12.19 -1.40
C ILE A 36 25.89 13.41 -1.34
N PHE A 37 25.89 14.08 -0.19
CA PHE A 37 26.63 15.32 0.00
C PHE A 37 27.49 15.23 1.25
N HIS A 38 28.59 15.98 1.24
CA HIS A 38 29.36 16.27 2.44
C HIS A 38 29.60 17.77 2.45
N ASN A 39 29.12 18.44 3.49
CA ASN A 39 29.29 19.88 3.65
C ASN A 39 28.95 20.63 2.37
N ASN A 40 27.76 20.33 1.83
CA ASN A 40 27.18 20.96 0.65
C ASN A 40 27.88 20.58 -0.64
N ASN A 41 28.88 19.69 -0.62
CA ASN A 41 29.53 19.22 -1.83
C ASN A 41 28.94 17.89 -2.24
N GLN A 42 28.40 17.81 -3.45
CA GLN A 42 27.84 16.56 -3.94
C GLN A 42 28.97 15.59 -4.25
N LEU A 43 29.01 14.46 -3.54
CA LEU A 43 30.05 13.47 -3.78
C LEU A 43 29.70 12.54 -4.94
N ALA A 44 28.43 12.19 -5.11
CA ALA A 44 28.06 11.28 -6.18
C ALA A 44 26.55 11.32 -6.33
N GLU A 45 26.09 10.69 -7.41
CA GLU A 45 24.68 10.59 -7.69
C GLU A 45 24.45 9.27 -8.40
N SER A 46 23.30 8.63 -8.14
CA SER A 46 22.93 7.44 -8.89
C SER A 46 21.44 7.48 -9.18
N ASN A 47 21.05 6.84 -10.28
CA ASN A 47 19.70 6.84 -10.79
C ASN A 47 19.31 5.41 -11.10
N ASP A 48 18.17 4.98 -10.60
CA ASP A 48 17.78 3.57 -10.73
C ASP A 48 16.29 3.48 -10.43
N THR A 49 15.77 2.25 -10.29
CA THR A 49 14.34 2.07 -10.16
C THR A 49 13.88 1.88 -8.73
N ASP A 50 14.80 1.74 -7.78
CA ASP A 50 14.47 1.71 -6.36
C ASP A 50 15.71 2.16 -5.60
N TYR A 51 15.54 2.54 -4.33
CA TYR A 51 16.63 3.13 -3.56
C TYR A 51 17.66 2.11 -3.06
N PHE A 52 17.28 0.83 -2.94
CA PHE A 52 18.28 -0.18 -2.62
C PHE A 52 19.23 -0.35 -3.80
N SER A 53 18.69 -0.36 -5.03
CA SER A 53 19.54 -0.39 -6.22
C SER A 53 20.36 0.89 -6.36
N CYS A 54 19.73 2.05 -6.13
CA CYS A 54 20.46 3.32 -6.10
C CYS A 54 21.61 3.28 -5.10
N PHE A 55 21.34 2.77 -3.90
CA PHE A 55 22.39 2.73 -2.88
C PHE A 55 23.55 1.85 -3.33
N ALA A 56 23.25 0.68 -3.90
CA ALA A 56 24.30 -0.20 -4.40
C ALA A 56 25.11 0.47 -5.49
N ASP A 57 24.44 1.16 -6.43
CA ASP A 57 25.18 1.91 -7.45
C ASP A 57 26.04 2.98 -6.81
N LEU A 58 25.53 3.60 -5.74
CA LEU A 58 26.29 4.66 -5.07
C LEU A 58 27.54 4.11 -4.41
N ARG A 59 27.44 2.95 -3.73
CA ARG A 59 28.60 2.41 -3.05
C ARG A 59 29.64 1.88 -4.05
N ASN A 60 29.19 1.40 -5.20
CA ASN A 60 30.11 0.95 -6.25
C ASN A 60 30.91 2.10 -6.84
N GLN A 61 30.31 3.29 -6.93
CA GLN A 61 31.05 4.45 -7.41
C GLN A 61 32.08 4.92 -6.40
N LEU A 62 31.77 4.81 -5.12
CA LEU A 62 32.63 5.28 -4.04
C LEU A 62 33.16 4.09 -3.25
N LYS A 63 34.05 3.31 -3.89
CA LYS A 63 34.54 2.08 -3.29
C LYS A 63 35.44 2.31 -2.09
N ASN A 64 35.96 3.52 -1.92
CA ASN A 64 36.87 3.83 -0.84
C ASN A 64 36.14 4.24 0.44
N ILE A 65 34.81 4.16 0.44
CA ILE A 65 33.98 4.65 1.55
C ILE A 65 33.24 3.47 2.16
N ILE A 66 33.25 3.40 3.48
CA ILE A 66 32.37 2.47 4.19
C ILE A 66 31.12 3.24 4.58
N PHE A 67 29.96 2.68 4.23
CA PHE A 67 28.66 3.29 4.51
C PHE A 67 28.07 2.62 5.74
N LEU A 68 27.93 3.38 6.83
CA LEU A 68 27.47 2.81 8.09
C LEU A 68 25.94 2.78 8.12
N CYS A 69 25.37 1.94 7.24
CA CYS A 69 23.93 1.84 7.03
C CYS A 69 23.49 0.40 6.86
N LYS A 70 22.28 0.11 7.32
CA LYS A 70 21.68 -1.22 7.11
C LYS A 70 21.76 -1.64 5.65
N GLY A 71 21.47 -0.72 4.73
CA GLY A 71 21.45 -1.03 3.31
C GLY A 71 22.78 -1.53 2.76
N ALA A 72 23.89 -1.32 3.48
CA ALA A 72 25.19 -1.82 3.04
C ALA A 72 25.59 -3.12 3.74
N LYS A 73 24.80 -3.59 4.69
CA LYS A 73 25.18 -4.77 5.46
C LYS A 73 25.09 -6.02 4.60
N ILE A 74 26.06 -6.92 4.76
CA ILE A 74 26.20 -8.05 3.83
C ILE A 74 24.94 -8.90 3.79
N ASN A 75 24.20 -8.98 4.90
CA ASN A 75 23.05 -9.88 4.98
C ASN A 75 21.72 -9.13 4.94
N VAL A 76 21.72 -7.87 4.50
CA VAL A 76 20.49 -7.11 4.28
C VAL A 76 20.13 -7.14 2.80
N TYR A 77 18.85 -7.39 2.51
CA TYR A 77 18.37 -7.37 1.13
C TYR A 77 16.86 -7.14 1.18
N PRO A 78 16.30 -6.43 0.20
CA PRO A 78 14.84 -6.29 0.14
C PRO A 78 14.20 -7.55 -0.40
N SER A 79 12.96 -7.78 0.00
CA SER A 79 12.11 -8.73 -0.73
C SER A 79 11.65 -8.07 -2.03
N ALA A 80 11.06 -8.88 -2.91
CA ALA A 80 10.40 -8.32 -4.09
C ALA A 80 9.37 -7.27 -3.68
N MET A 81 8.55 -7.63 -2.69
CA MET A 81 7.50 -6.72 -2.23
C MET A 81 8.06 -5.47 -1.56
N SER A 82 9.09 -5.61 -0.72
CA SER A 82 9.59 -4.40 -0.07
C SER A 82 10.28 -3.50 -1.09
N ARG A 83 11.03 -4.09 -2.02
CA ARG A 83 11.58 -3.31 -3.13
C ARG A 83 10.48 -2.59 -3.88
N ASP A 84 9.41 -3.32 -4.22
CA ASP A 84 8.34 -2.77 -5.05
C ASP A 84 7.52 -1.71 -4.29
N MET A 85 7.06 -2.04 -3.09
CA MET A 85 6.10 -1.19 -2.39
C MET A 85 6.74 0.01 -1.67
N SER A 86 7.96 -0.13 -1.14
CA SER A 86 8.63 0.95 -0.43
C SER A 86 9.79 1.54 -1.22
N ASP A 87 9.87 1.25 -2.53
CA ASP A 87 10.95 1.75 -3.38
C ASP A 87 12.30 1.33 -2.82
N GLY A 88 12.34 0.13 -2.22
CA GLY A 88 13.56 -0.39 -1.66
C GLY A 88 14.05 0.27 -0.40
N ILE A 89 13.29 1.21 0.18
CA ILE A 89 13.71 1.84 1.44
C ILE A 89 13.65 0.85 2.60
N VAL A 90 12.71 -0.09 2.55
CA VAL A 90 12.59 -1.12 3.59
C VAL A 90 13.19 -2.40 3.05
N ALA A 91 14.00 -3.05 3.88
CA ALA A 91 14.70 -4.27 3.51
C ALA A 91 14.68 -5.21 4.71
N TYR A 92 15.25 -6.41 4.55
CA TYR A 92 15.25 -7.42 5.61
C TYR A 92 16.68 -7.77 6.00
N GLU A 93 16.89 -7.97 7.29
CA GLU A 93 18.16 -8.48 7.80
C GLU A 93 18.02 -9.98 7.95
N THR A 94 18.71 -10.74 7.09
CA THR A 94 18.46 -12.17 6.97
C THR A 94 19.52 -13.00 7.71
N THR A 95 19.14 -14.24 8.01
CA THR A 95 19.99 -15.22 8.65
C THR A 95 19.91 -16.54 7.87
N LEU A 96 21.06 -17.17 7.65
CA LEU A 96 21.11 -18.40 6.87
C LEU A 96 20.15 -19.44 7.44
N GLY A 97 19.37 -20.06 6.56
CA GLY A 97 18.46 -21.11 6.96
C GLY A 97 17.16 -20.64 7.55
N GLN A 98 16.91 -19.33 7.60
CA GLN A 98 15.67 -18.80 8.16
C GLN A 98 15.02 -17.83 7.17
N PRO A 99 13.71 -17.96 6.95
CA PRO A 99 13.01 -17.00 6.08
C PRO A 99 12.92 -15.65 6.74
N GLY A 100 12.72 -14.62 5.92
CA GLY A 100 12.65 -13.27 6.43
C GLY A 100 11.32 -12.98 7.09
N LEU A 101 11.36 -12.40 8.28
CA LEU A 101 10.17 -12.12 9.07
C LEU A 101 9.93 -10.62 9.15
N PRO A 102 8.70 -10.20 9.44
CA PRO A 102 8.44 -8.76 9.62
C PRO A 102 9.38 -8.09 10.62
N GLU A 103 9.70 -8.76 11.72
CA GLU A 103 10.56 -8.16 12.73
C GLU A 103 12.01 -8.01 12.26
N ASN A 104 12.38 -8.67 11.17
CA ASN A 104 13.68 -8.49 10.56
C ASN A 104 13.76 -7.27 9.64
N GLN A 105 12.66 -6.53 9.45
CA GLN A 105 12.67 -5.41 8.51
C GLN A 105 13.51 -4.27 9.09
N VAL A 106 14.17 -3.53 8.18
CA VAL A 106 15.03 -2.41 8.55
C VAL A 106 14.84 -1.31 7.52
N HIS A 107 15.16 -0.08 7.91
CA HIS A 107 15.29 1.04 6.99
C HIS A 107 16.73 1.03 6.45
N ILE A 108 16.88 1.07 5.13
CA ILE A 108 18.22 0.88 4.57
C ILE A 108 19.20 1.97 4.96
N PHE A 109 18.72 3.11 5.47
CA PHE A 109 19.64 4.17 5.90
C PHE A 109 19.71 4.32 7.41
N ASP A 110 19.14 3.39 8.17
CA ASP A 110 19.43 3.36 9.61
C ASP A 110 20.87 2.94 9.84
N PHE A 111 21.40 3.35 10.99
CA PHE A 111 22.81 3.17 11.33
C PHE A 111 23.16 1.70 11.52
N GLU A 112 24.37 1.34 11.11
CA GLU A 112 24.91 0.00 11.29
C GLU A 112 26.42 0.05 11.11
N ASP A 113 27.19 -0.42 12.09
CA ASP A 113 28.64 -0.45 11.95
C ASP A 113 29.19 -1.86 11.75
N LYS A 114 28.36 -2.89 11.80
CA LYS A 114 28.83 -4.27 11.73
C LYS A 114 28.56 -4.85 10.35
N TYR A 115 29.58 -5.51 9.80
CA TYR A 115 29.44 -6.26 8.55
C TYR A 115 29.06 -5.36 7.38
N VAL A 116 29.56 -4.13 7.38
CA VAL A 116 29.24 -3.19 6.31
C VAL A 116 30.44 -2.84 5.45
N ASP A 117 31.63 -3.32 5.80
CA ASP A 117 32.82 -3.07 5.00
C ASP A 117 32.95 -4.12 3.89
N ILE A 118 31.92 -4.16 3.04
CA ILE A 118 31.79 -5.13 1.96
C ILE A 118 31.20 -4.45 0.74
N THR A 119 31.46 -5.02 -0.43
CA THR A 119 31.00 -4.43 -1.68
C THR A 119 29.55 -4.82 -1.95
N PRO A 120 28.87 -4.09 -2.83
CA PRO A 120 27.53 -4.53 -3.26
C PRO A 120 27.49 -5.93 -3.85
N GLU A 121 28.56 -6.36 -4.52
CA GLU A 121 28.58 -7.70 -5.08
C GLU A 121 28.65 -8.77 -4.00
N GLU A 122 29.48 -8.55 -2.96
CA GLU A 122 29.53 -9.48 -1.84
C GLU A 122 28.18 -9.56 -1.14
N GLN A 123 27.52 -8.42 -0.94
CA GLN A 123 26.17 -8.43 -0.39
C GLN A 123 25.21 -9.25 -1.26
N ARG A 124 25.27 -9.02 -2.57
CA ARG A 124 24.35 -9.72 -3.46
C ARG A 124 24.65 -11.20 -3.53
N LYS A 125 25.92 -11.58 -3.38
CA LYS A 125 26.25 -13.00 -3.39
C LYS A 125 25.83 -13.67 -2.09
N PHE A 126 26.03 -13.01 -0.95
CA PHE A 126 25.46 -13.55 0.29
C PHE A 126 23.96 -13.78 0.16
N HIS A 127 23.25 -12.87 -0.53
CA HIS A 127 21.79 -13.01 -0.60
C HIS A 127 21.38 -14.25 -1.38
N SER A 128 22.14 -14.60 -2.41
CA SER A 128 21.87 -15.86 -3.12
C SER A 128 22.15 -17.06 -2.22
N GLN A 129 23.21 -16.99 -1.40
CA GLN A 129 23.49 -18.08 -0.46
C GLN A 129 22.39 -18.20 0.57
N TRP A 130 21.90 -17.06 1.07
CA TRP A 130 20.78 -17.09 2.00
C TRP A 130 19.55 -17.74 1.35
N PHE A 131 19.18 -17.26 0.16
CA PHE A 131 18.00 -17.78 -0.53
C PHE A 131 18.09 -19.28 -0.72
N GLU A 132 19.28 -19.78 -1.08
CA GLU A 132 19.45 -21.21 -1.30
C GLU A 132 19.52 -22.00 -0.01
N SER A 133 19.79 -21.34 1.12
CA SER A 133 19.85 -22.02 2.41
C SER A 133 18.48 -22.34 2.98
N LEU A 134 17.41 -21.83 2.39
CA LEU A 134 16.06 -22.06 2.88
C LEU A 134 15.47 -23.41 2.47
N VAL A 135 16.24 -24.31 1.85
CA VAL A 135 15.74 -25.64 1.50
C VAL A 135 16.54 -26.74 2.19
N ASP B 10 -10.53 -16.09 -12.23
CA ASP B 10 -11.10 -16.02 -10.88
C ASP B 10 -10.56 -14.80 -10.10
N TYR B 11 -11.44 -13.90 -9.69
CA TYR B 11 -11.04 -12.58 -9.17
C TYR B 11 -10.80 -12.60 -7.66
N ILE B 12 -9.76 -11.87 -7.23
CA ILE B 12 -9.37 -11.77 -5.83
C ILE B 12 -9.09 -10.31 -5.49
N ILE B 13 -9.30 -9.96 -4.22
CA ILE B 13 -8.96 -8.65 -3.69
C ILE B 13 -7.56 -8.73 -3.09
N THR B 14 -6.65 -7.86 -3.55
CA THR B 14 -5.33 -7.73 -2.93
C THR B 14 -5.04 -6.26 -2.64
N TYR B 15 -3.98 -6.01 -1.86
CA TYR B 15 -3.63 -4.70 -1.33
C TYR B 15 -2.19 -4.36 -1.68
N ARG B 16 -1.89 -3.05 -1.76
CA ARG B 16 -0.54 -2.59 -2.06
C ARG B 16 -0.31 -1.24 -1.39
N GLY B 17 0.82 -1.13 -0.68
CA GLY B 17 1.19 0.14 -0.09
C GLY B 17 2.11 0.94 -0.99
N ASP B 18 2.05 2.26 -0.81
CA ASP B 18 2.86 3.18 -1.59
C ASP B 18 2.78 4.55 -0.97
N THR B 19 3.90 5.29 -1.00
CA THR B 19 3.85 6.70 -0.62
C THR B 19 3.28 7.57 -1.72
N ARG B 20 3.31 7.10 -2.96
CA ARG B 20 2.80 7.89 -4.08
C ARG B 20 1.30 8.16 -3.93
N SER B 21 0.91 9.38 -4.31
CA SER B 21 -0.46 9.84 -4.11
C SER B 21 -1.43 9.11 -5.03
N PHE B 22 -2.70 9.09 -4.62
CA PHE B 22 -3.70 8.33 -5.35
C PHE B 22 -4.04 8.96 -6.69
N THR B 23 -3.91 10.27 -6.81
CA THR B 23 -4.08 10.91 -8.11
C THR B 23 -3.15 10.30 -9.14
N GLU B 24 -1.88 10.13 -8.77
CA GLU B 24 -0.92 9.53 -9.68
C GLU B 24 -1.22 8.04 -9.91
N ILE B 25 -1.65 7.32 -8.86
CA ILE B 25 -1.80 5.88 -8.98
C ILE B 25 -3.08 5.51 -9.73
N PHE B 26 -4.21 6.16 -9.40
CA PHE B 26 -5.48 5.92 -10.08
C PHE B 26 -5.38 6.17 -11.58
N ASP B 27 -4.42 6.99 -12.02
CA ASP B 27 -4.24 7.27 -13.43
C ASP B 27 -3.31 6.29 -14.12
N LYS B 28 -2.18 5.94 -13.49
CA LYS B 28 -1.12 5.20 -14.15
C LYS B 28 -1.07 3.72 -13.78
N GLY B 29 -1.87 3.28 -12.82
CA GLY B 29 -1.81 1.88 -12.42
C GLY B 29 -0.48 1.52 -11.80
N PHE B 30 -0.16 0.23 -11.81
CA PHE B 30 1.12 -0.28 -11.30
C PHE B 30 1.83 -1.00 -12.44
N GLU B 31 3.01 -0.51 -12.80
CA GLU B 31 3.78 -1.12 -13.88
C GLU B 31 4.94 -1.92 -13.32
N THR B 32 5.43 -2.86 -14.12
CA THR B 32 6.49 -3.78 -13.74
C THR B 32 7.84 -3.21 -14.18
N LEU B 33 8.91 -3.83 -13.68
CA LEU B 33 10.27 -3.34 -13.97
C LEU B 33 10.81 -3.84 -15.30
N GLY B 34 10.39 -5.02 -15.75
CA GLY B 34 10.99 -5.60 -16.93
C GLY B 34 10.22 -6.77 -17.47
N PRO B 35 10.78 -7.43 -18.50
CA PRO B 35 10.05 -8.49 -19.20
C PRO B 35 10.14 -9.88 -18.59
N SER B 36 11.00 -10.12 -17.59
CA SER B 36 11.22 -11.47 -17.11
C SER B 36 9.96 -12.04 -16.46
N LYS B 37 9.38 -13.08 -17.06
CA LYS B 37 8.19 -13.72 -16.51
C LYS B 37 8.53 -14.93 -15.63
N ASP B 38 9.75 -14.98 -15.11
CA ASP B 38 10.23 -16.06 -14.25
C ASP B 38 9.86 -15.75 -12.81
N LEU B 39 8.94 -16.54 -12.23
CA LEU B 39 8.46 -16.22 -10.88
C LEU B 39 9.49 -16.57 -9.81
N TYR B 40 10.21 -17.67 -9.98
CA TYR B 40 11.26 -18.00 -9.02
C TYR B 40 12.34 -16.91 -8.96
N LYS B 41 12.77 -16.38 -10.10
CA LYS B 41 13.78 -15.33 -10.10
C LYS B 41 13.21 -14.02 -9.55
N HIS B 42 11.91 -13.76 -9.74
CA HIS B 42 11.26 -12.62 -9.11
C HIS B 42 11.41 -12.68 -7.59
N ALA B 43 11.24 -13.88 -7.01
CA ALA B 43 11.34 -14.00 -5.55
C ALA B 43 12.78 -13.89 -5.08
N LEU B 44 13.73 -14.39 -5.87
CA LEU B 44 15.13 -14.28 -5.48
C LEU B 44 15.58 -12.81 -5.54
N ASP B 45 15.31 -12.14 -6.65
CA ASP B 45 15.69 -10.74 -6.81
C ASP B 45 14.95 -10.15 -8.00
N ASN B 46 13.89 -9.36 -7.74
CA ASN B 46 13.05 -8.86 -8.83
C ASN B 46 13.68 -7.69 -9.59
N ARG B 47 14.89 -7.27 -9.22
CA ARG B 47 15.63 -6.27 -9.99
C ARG B 47 16.66 -6.90 -10.92
N ALA B 48 16.99 -8.18 -10.73
CA ALA B 48 18.04 -8.83 -11.51
C ALA B 48 17.63 -10.28 -11.78
N PRO B 49 16.97 -10.55 -12.92
CA PRO B 49 16.57 -9.59 -13.96
C PRO B 49 15.30 -8.83 -13.58
N PRO B 50 15.11 -7.61 -14.12
CA PRO B 50 13.84 -6.89 -13.89
C PRO B 50 12.62 -7.76 -14.19
N SER B 51 11.81 -8.00 -13.16
CA SER B 51 10.74 -8.99 -13.24
C SER B 51 9.45 -8.38 -13.78
N ASP B 52 8.65 -9.23 -14.43
CA ASP B 52 7.38 -8.80 -15.00
C ASP B 52 6.21 -9.02 -14.04
N PHE B 53 6.39 -8.78 -12.75
CA PHE B 53 5.32 -8.98 -11.78
C PHE B 53 5.25 -7.78 -10.84
N VAL B 54 4.03 -7.40 -10.46
CA VAL B 54 3.80 -6.41 -9.41
C VAL B 54 3.44 -7.15 -8.13
N SER B 55 4.07 -6.78 -7.01
CA SER B 55 3.77 -7.44 -5.74
C SER B 55 2.54 -6.80 -5.09
N THR B 56 1.64 -7.65 -4.60
CA THR B 56 0.52 -7.26 -3.78
C THR B 56 0.43 -8.28 -2.66
N THR B 57 -0.43 -8.03 -1.68
CA THR B 57 -0.62 -8.94 -0.58
C THR B 57 -2.11 -9.09 -0.32
N ILE B 58 -2.49 -10.25 0.23
CA ILE B 58 -3.87 -10.44 0.65
C ILE B 58 -4.09 -9.99 2.09
N ASP B 59 -3.02 -9.67 2.82
CA ASP B 59 -3.14 -9.23 4.20
C ASP B 59 -2.92 -7.71 4.23
N PRO B 60 -3.97 -6.91 4.39
CA PRO B 60 -3.78 -5.45 4.33
C PRO B 60 -2.80 -4.92 5.37
N THR B 61 -2.64 -5.60 6.50
CA THR B 61 -1.72 -5.11 7.53
C THR B 61 -0.26 -5.20 7.09
N LYS B 62 0.05 -6.06 6.13
CA LYS B 62 1.42 -6.19 5.66
C LYS B 62 1.85 -5.05 4.74
N THR B 63 0.94 -4.17 4.33
CA THR B 63 1.31 -3.02 3.50
C THR B 63 1.81 -1.83 4.32
N ILE B 64 1.48 -1.78 5.62
CA ILE B 64 1.63 -0.54 6.40
C ILE B 64 3.08 -0.12 6.47
N SER B 65 3.96 -1.06 6.84
CA SER B 65 5.39 -0.78 6.93
C SER B 65 5.95 -0.23 5.63
N PHE B 66 5.50 -0.77 4.49
CA PHE B 66 6.04 -0.32 3.21
C PHE B 66 5.44 1.03 2.80
N ALA B 67 4.13 1.17 3.00
CA ALA B 67 3.44 2.43 2.69
C ALA B 67 4.01 3.62 3.46
N THR B 68 4.53 3.40 4.68
CA THR B 68 5.07 4.49 5.49
C THR B 68 6.59 4.58 5.43
N LYS B 69 7.22 3.78 4.57
CA LYS B 69 8.68 3.70 4.50
C LYS B 69 9.29 3.56 5.89
N TYR B 70 8.81 2.56 6.63
CA TYR B 70 9.32 2.21 7.94
C TYR B 70 8.93 3.26 8.99
N GLY B 71 7.68 3.71 8.95
CA GLY B 71 7.21 4.68 9.91
C GLY B 71 7.73 6.08 9.72
N GLN B 72 8.36 6.38 8.59
CA GLN B 72 8.99 7.68 8.36
C GLN B 72 8.07 8.66 7.64
N LYS B 73 7.12 8.16 6.86
CA LYS B 73 6.32 8.99 5.97
C LYS B 73 4.87 8.55 6.04
N SER B 74 3.98 9.46 5.69
CA SER B 74 2.60 9.05 5.48
C SER B 74 2.48 8.45 4.08
N GLY B 75 1.45 7.64 3.88
CA GLY B 75 1.24 7.03 2.58
C GLY B 75 -0.17 6.52 2.36
N TYR B 76 -0.30 5.51 1.50
CA TYR B 76 -1.61 4.98 1.13
C TYR B 76 -1.57 3.46 0.99
N MET B 77 -2.68 2.82 1.35
CA MET B 77 -2.93 1.42 1.01
C MET B 77 -3.93 1.37 -0.13
N TYR B 78 -3.52 0.80 -1.26
CA TYR B 78 -4.41 0.65 -2.41
C TYR B 78 -5.07 -0.73 -2.41
N THR B 79 -6.33 -0.76 -2.82
CA THR B 79 -7.09 -1.99 -2.96
C THR B 79 -7.35 -2.27 -4.44
N MET B 80 -7.09 -3.52 -4.87
CA MET B 80 -7.20 -3.95 -6.26
C MET B 80 -8.06 -5.21 -6.40
N LYS B 81 -8.62 -5.40 -7.60
CA LYS B 81 -9.35 -6.61 -7.97
C LYS B 81 -8.82 -7.12 -9.30
N THR B 82 -8.30 -8.36 -9.31
CA THR B 82 -7.67 -8.96 -10.49
C THR B 82 -7.91 -10.46 -10.45
N ASN B 83 -7.60 -11.12 -11.57
CA ASN B 83 -7.84 -12.57 -11.65
C ASN B 83 -6.67 -13.35 -12.22
N HIS B 84 -5.48 -12.75 -12.31
CA HIS B 84 -4.33 -13.41 -12.90
C HIS B 84 -3.16 -13.56 -11.95
N GLY B 85 -3.35 -13.29 -10.65
CA GLY B 85 -2.25 -13.34 -9.73
C GLY B 85 -1.79 -14.75 -9.44
N ILE B 86 -0.52 -14.87 -9.03
CA ILE B 86 0.09 -16.14 -8.65
C ILE B 86 0.38 -16.09 -7.16
N ASP B 87 -0.13 -17.07 -6.41
CA ASP B 87 0.14 -17.16 -4.98
C ASP B 87 1.58 -17.60 -4.76
N VAL B 88 2.41 -16.67 -4.27
CA VAL B 88 3.85 -16.92 -4.20
C VAL B 88 4.18 -18.03 -3.20
N ASN B 89 3.52 -18.04 -2.04
CA ASN B 89 3.78 -19.12 -1.08
C ASN B 89 3.40 -20.49 -1.65
N LYS B 90 2.30 -20.56 -2.39
CA LYS B 90 1.90 -21.83 -3.00
C LYS B 90 2.87 -22.25 -4.09
N ALA B 91 3.37 -21.28 -4.86
CA ALA B 91 4.23 -21.57 -6.00
C ALA B 91 5.64 -21.94 -5.57
N LEU B 92 6.16 -21.28 -4.53
CA LEU B 92 7.48 -21.59 -4.00
C LEU B 92 7.45 -22.60 -2.87
N GLY B 93 6.30 -22.83 -2.24
CA GLY B 93 6.27 -23.80 -1.15
C GLY B 93 7.21 -23.35 -0.04
N ALA B 94 7.98 -24.30 0.49
CA ALA B 94 8.89 -24.06 1.60
C ALA B 94 10.09 -23.21 1.23
N ARG B 95 10.36 -23.02 -0.06
CA ARG B 95 11.45 -22.15 -0.49
C ARG B 95 11.07 -20.66 -0.42
N SER B 96 9.81 -20.34 -0.09
CA SER B 96 9.32 -18.96 -0.12
C SER B 96 10.10 -18.08 0.85
N PRO B 97 10.82 -17.07 0.38
CA PRO B 97 11.79 -16.38 1.25
C PRO B 97 11.16 -15.45 2.30
N PHE B 98 9.99 -14.87 2.01
CA PHE B 98 9.33 -13.96 2.94
C PHE B 98 7.85 -14.31 3.01
N ALA B 99 7.58 -15.54 3.44
CA ALA B 99 6.24 -16.10 3.35
C ALA B 99 5.23 -15.32 4.17
N ALA B 100 5.67 -14.58 5.19
CA ALA B 100 4.72 -13.82 6.02
C ALA B 100 4.09 -12.67 5.25
N GLU B 101 4.68 -12.24 4.14
CA GLU B 101 4.11 -11.17 3.33
C GLU B 101 2.80 -11.56 2.64
N ALA B 102 2.48 -12.86 2.56
CA ALA B 102 1.28 -13.37 1.84
C ALA B 102 1.15 -12.72 0.45
N GLU B 103 2.20 -12.86 -0.34
CA GLU B 103 2.32 -12.16 -1.61
C GLU B 103 1.53 -12.84 -2.72
N ILE B 104 0.82 -12.03 -3.49
CA ILE B 104 0.24 -12.42 -4.78
C ILE B 104 0.98 -11.60 -5.83
N ALA B 105 1.76 -12.26 -6.67
CA ALA B 105 2.46 -11.56 -7.75
C ALA B 105 1.55 -11.42 -8.97
N MET B 106 1.51 -10.22 -9.54
CA MET B 106 0.59 -9.90 -10.63
C MET B 106 1.35 -9.82 -11.95
N PRO B 107 1.29 -10.85 -12.82
CA PRO B 107 2.07 -10.80 -14.06
C PRO B 107 1.58 -9.68 -14.96
N GLY B 108 2.52 -8.93 -15.51
CA GLY B 108 2.18 -7.83 -16.41
C GLY B 108 1.81 -6.52 -15.75
N GLY B 109 1.48 -6.51 -14.47
CA GLY B 109 1.12 -5.30 -13.76
C GLY B 109 -0.36 -5.24 -13.40
N VAL B 110 -0.78 -4.07 -12.93
CA VAL B 110 -2.17 -3.84 -12.55
C VAL B 110 -2.65 -2.60 -13.31
N ARG B 111 -3.68 -2.78 -14.12
CA ARG B 111 -4.22 -1.65 -14.88
C ARG B 111 -4.81 -0.62 -13.93
N ALA B 112 -4.69 0.66 -14.29
CA ALA B 112 -5.27 1.73 -13.49
C ALA B 112 -6.75 1.45 -13.21
N GLU B 113 -7.45 0.86 -14.18
CA GLU B 113 -8.87 0.60 -14.04
C GLU B 113 -9.18 -0.38 -12.92
N ASP B 114 -8.25 -1.28 -12.60
CA ASP B 114 -8.46 -2.34 -11.62
C ASP B 114 -8.13 -1.92 -10.19
N ILE B 115 -7.67 -0.70 -9.99
CA ILE B 115 -7.40 -0.19 -8.65
C ILE B 115 -8.68 0.45 -8.17
N LEU B 116 -9.31 -0.15 -7.15
CA LEU B 116 -10.63 0.26 -6.71
C LEU B 116 -10.58 1.47 -5.79
N GLY B 117 -9.59 1.57 -4.92
CA GLY B 117 -9.57 2.69 -4.02
C GLY B 117 -8.26 2.81 -3.26
N ALA B 118 -8.20 3.83 -2.43
CA ALA B 118 -6.99 4.17 -1.69
C ALA B 118 -7.40 4.60 -0.29
N ARG B 119 -6.61 4.18 0.70
CA ARG B 119 -6.85 4.53 2.09
C ARG B 119 -5.57 5.13 2.67
N ALA B 120 -5.67 6.34 3.21
CA ALA B 120 -4.50 7.03 3.73
C ALA B 120 -3.98 6.37 4.99
N VAL B 121 -2.66 6.38 5.17
CA VAL B 121 -2.03 5.91 6.40
C VAL B 121 -0.96 6.91 6.80
N ASN B 122 -1.03 7.41 8.04
CA ASN B 122 0.02 8.34 8.44
C ASN B 122 1.22 7.56 8.97
N ALA B 123 2.25 8.30 9.37
CA ALA B 123 3.54 7.66 9.63
C ALA B 123 3.48 6.66 10.78
N ASP B 124 2.61 6.89 11.77
CA ASP B 124 2.57 5.97 12.90
C ASP B 124 1.71 4.73 12.63
N GLY B 125 1.29 4.53 11.38
CA GLY B 125 0.59 3.32 11.01
C GLY B 125 -0.92 3.38 11.14
N GLU B 126 -1.49 4.50 11.56
CA GLU B 126 -2.94 4.61 11.68
C GLU B 126 -3.56 4.97 10.35
N MET B 127 -4.53 4.16 9.91
CA MET B 127 -5.19 4.41 8.63
C MET B 127 -6.46 5.20 8.84
N TRP B 128 -6.82 5.97 7.81
CA TRP B 128 -8.09 6.67 7.82
C TRP B 128 -9.25 5.66 7.82
N ASP B 129 -10.42 6.09 8.29
CA ASP B 129 -11.54 5.18 8.46
C ASP B 129 -12.46 5.16 7.24
N TYR B 130 -12.02 5.68 6.10
CA TYR B 130 -12.78 5.62 4.87
C TYR B 130 -11.81 5.43 3.72
N THR B 131 -12.34 4.89 2.63
CA THR B 131 -11.59 4.56 1.43
C THR B 131 -11.96 5.55 0.33
N ILE B 132 -10.95 6.17 -0.29
CA ILE B 132 -11.19 7.08 -1.40
C ILE B 132 -11.37 6.25 -2.67
N LEU B 133 -12.39 6.57 -3.44
CA LEU B 133 -12.74 5.78 -4.62
C LEU B 133 -11.95 6.24 -5.84
N ASN B 134 -11.60 5.26 -6.67
CA ASN B 134 -10.98 5.56 -7.96
C ASN B 134 -12.02 6.12 -8.92
N PRO B 135 -11.88 7.38 -9.37
CA PRO B 135 -12.86 7.93 -10.31
C PRO B 135 -12.91 7.20 -11.63
N LYS B 136 -11.81 6.55 -12.04
CA LYS B 136 -11.83 5.74 -13.26
C LYS B 136 -12.91 4.68 -13.21
N ARG B 137 -13.27 4.21 -12.02
CA ARG B 137 -14.37 3.27 -11.85
C ARG B 137 -15.63 3.88 -11.26
N TYR B 138 -15.53 4.98 -10.50
CA TYR B 138 -16.69 5.48 -9.76
C TYR B 138 -16.98 6.95 -9.98
N GLY B 139 -16.35 7.62 -10.95
CA GLY B 139 -16.53 9.05 -11.12
C GLY B 139 -17.40 9.45 -12.28
N SER C 4 -32.54 -6.63 8.96
CA SER C 4 -32.10 -7.63 7.97
C SER C 4 -33.14 -7.77 6.89
N ASP C 5 -34.27 -8.40 7.25
CA ASP C 5 -35.44 -8.43 6.39
C ASP C 5 -36.11 -7.07 6.27
N LYS C 6 -35.57 -6.04 6.94
CA LYS C 6 -36.13 -4.70 6.89
C LYS C 6 -35.25 -3.73 6.10
N ILE C 7 -34.08 -4.16 5.62
CA ILE C 7 -33.19 -3.30 4.86
C ILE C 7 -33.59 -3.31 3.39
N ILE C 8 -33.72 -2.11 2.82
CA ILE C 8 -34.00 -1.95 1.40
C ILE C 8 -32.70 -2.14 0.62
N HIS C 9 -32.73 -2.97 -0.42
CA HIS C 9 -31.54 -3.26 -1.21
C HIS C 9 -31.66 -2.51 -2.54
N LEU C 10 -30.99 -1.36 -2.61
CA LEU C 10 -31.18 -0.42 -3.70
C LEU C 10 -30.39 -0.84 -4.94
N THR C 11 -30.83 -0.30 -6.06
CA THR C 11 -30.09 -0.34 -7.31
C THR C 11 -30.12 1.07 -7.87
N ASP C 12 -29.23 1.34 -8.84
CA ASP C 12 -29.27 2.63 -9.52
C ASP C 12 -30.68 2.94 -10.01
N ASP C 13 -31.37 1.93 -10.57
CA ASP C 13 -32.70 2.13 -11.14
C ASP C 13 -33.73 2.45 -10.08
N SER C 14 -33.63 1.85 -8.90
CA SER C 14 -34.63 2.00 -7.86
C SER C 14 -34.37 3.19 -6.94
N PHE C 15 -33.28 3.94 -7.14
CA PHE C 15 -32.89 4.94 -6.16
C PHE C 15 -33.92 6.05 -6.04
N ASP C 16 -34.33 6.65 -7.17
CA ASP C 16 -35.27 7.77 -7.10
C ASP C 16 -36.58 7.34 -6.44
N THR C 17 -37.06 6.13 -6.76
CA THR C 17 -38.32 5.65 -6.23
C THR C 17 -38.22 5.37 -4.74
N ASP C 18 -37.21 4.60 -4.32
CA ASP C 18 -37.12 4.09 -2.95
C ASP C 18 -36.46 5.07 -1.98
N VAL C 19 -35.76 6.08 -2.48
CA VAL C 19 -35.14 7.10 -1.62
C VAL C 19 -35.80 8.45 -1.79
N LEU C 20 -35.71 9.02 -3.00
CA LEU C 20 -36.14 10.40 -3.20
C LEU C 20 -37.65 10.57 -3.05
N LYS C 21 -38.43 9.53 -3.39
CA LYS C 21 -39.87 9.55 -3.28
C LYS C 21 -40.36 8.72 -2.11
N ALA C 22 -39.47 8.33 -1.21
CA ALA C 22 -39.87 7.57 -0.04
C ALA C 22 -40.56 8.49 0.97
N ASP C 23 -41.39 7.88 1.81
CA ASP C 23 -41.97 8.53 2.97
C ASP C 23 -41.12 8.24 4.21
N GLY C 24 -40.97 9.24 5.06
CA GLY C 24 -40.14 9.11 6.24
C GLY C 24 -38.65 9.18 5.93
N ALA C 25 -37.86 9.22 7.00
CA ALA C 25 -36.42 9.34 6.88
C ALA C 25 -35.81 8.05 6.35
N ILE C 26 -34.88 8.18 5.40
CA ILE C 26 -34.17 7.05 4.81
C ILE C 26 -32.67 7.23 5.04
N LEU C 27 -32.05 6.25 5.70
CA LEU C 27 -30.59 6.17 5.82
C LEU C 27 -30.02 5.28 4.71
N VAL C 28 -29.22 5.87 3.82
CA VAL C 28 -28.64 5.14 2.70
C VAL C 28 -27.17 4.89 2.98
N ASP C 29 -26.77 3.63 2.93
CA ASP C 29 -25.37 3.22 3.09
C ASP C 29 -24.76 2.96 1.72
N PHE C 30 -23.81 3.81 1.32
CA PHE C 30 -23.01 3.59 0.14
C PHE C 30 -21.81 2.74 0.53
N TRP C 31 -21.65 1.59 -0.14
CA TRP C 31 -20.77 0.57 0.39
C TRP C 31 -20.24 -0.29 -0.76
N ALA C 32 -19.21 -1.07 -0.45
CA ALA C 32 -18.65 -2.01 -1.42
C ALA C 32 -18.05 -3.17 -0.64
N GLU C 33 -18.14 -4.37 -1.23
CA GLU C 33 -17.77 -5.60 -0.55
C GLU C 33 -16.27 -5.69 -0.25
N TRP C 34 -15.44 -4.94 -0.97
CA TRP C 34 -14.00 -4.99 -0.81
C TRP C 34 -13.47 -4.01 0.24
N CYS C 35 -14.36 -3.29 0.91
CA CYS C 35 -13.98 -2.23 1.84
C CYS C 35 -14.17 -2.72 3.27
N GLY C 36 -13.07 -2.77 4.04
CA GLY C 36 -13.08 -3.19 5.41
C GLY C 36 -13.99 -2.38 6.31
N PRO C 37 -13.87 -1.05 6.25
CA PRO C 37 -14.81 -0.20 7.00
C PRO C 37 -16.26 -0.38 6.56
N CYS C 38 -16.51 -0.73 5.30
CA CYS C 38 -17.89 -0.96 4.87
C CYS C 38 -18.46 -2.23 5.50
N LYS C 39 -17.70 -3.33 5.41
CA LYS C 39 -18.15 -4.59 6.02
C LYS C 39 -18.25 -4.45 7.53
N MET C 40 -17.43 -3.59 8.13
CA MET C 40 -17.44 -3.44 9.58
C MET C 40 -18.75 -2.84 10.07
N ILE C 41 -19.26 -1.80 9.39
CA ILE C 41 -20.52 -1.19 9.82
C ILE C 41 -21.73 -2.00 9.37
N ALA C 42 -21.55 -3.05 8.57
CA ALA C 42 -22.69 -3.77 8.01
C ALA C 42 -23.63 -4.32 9.08
N PRO C 43 -23.19 -5.17 10.02
CA PRO C 43 -24.16 -5.71 10.99
C PRO C 43 -24.63 -4.68 11.99
N ILE C 44 -23.90 -3.57 12.15
CA ILE C 44 -24.38 -2.48 12.99
C ILE C 44 -25.63 -1.87 12.38
N LEU C 45 -25.65 -1.74 11.05
CA LEU C 45 -26.82 -1.18 10.37
C LEU C 45 -28.01 -2.12 10.47
N ASP C 46 -27.77 -3.43 10.53
CA ASP C 46 -28.87 -4.36 10.75
C ASP C 46 -29.49 -4.16 12.11
N GLU C 47 -28.67 -3.91 13.14
CA GLU C 47 -29.21 -3.62 14.46
C GLU C 47 -30.03 -2.34 14.43
N ILE C 48 -29.49 -1.28 13.83
CA ILE C 48 -30.19 0.01 13.81
C ILE C 48 -31.49 -0.11 13.01
N ALA C 49 -31.49 -0.92 11.94
CA ALA C 49 -32.69 -1.09 11.12
C ALA C 49 -33.85 -1.68 11.91
N ASP C 50 -33.56 -2.53 12.90
CA ASP C 50 -34.60 -3.09 13.74
C ASP C 50 -34.96 -2.18 14.91
N GLU C 51 -33.96 -1.59 15.57
CA GLU C 51 -34.23 -0.73 16.71
C GLU C 51 -35.03 0.50 16.31
N TYR C 52 -34.75 1.06 15.13
CA TYR C 52 -35.39 2.30 14.70
C TYR C 52 -36.56 2.07 13.75
N GLN C 53 -37.08 0.84 13.68
CA GLN C 53 -38.18 0.58 12.77
C GLN C 53 -39.38 1.46 13.12
N GLY C 54 -40.05 1.96 12.10
CA GLY C 54 -41.11 2.93 12.29
C GLY C 54 -40.64 4.37 12.45
N LYS C 55 -39.37 4.59 12.79
CA LYS C 55 -38.77 5.91 12.79
C LYS C 55 -37.81 6.16 11.63
N LEU C 56 -37.31 5.10 11.00
CA LEU C 56 -36.26 5.24 10.01
C LEU C 56 -36.26 4.01 9.11
N THR C 57 -36.01 4.21 7.82
CA THR C 57 -35.75 3.14 6.88
C THR C 57 -34.26 3.11 6.56
N VAL C 58 -33.67 1.92 6.57
CA VAL C 58 -32.26 1.73 6.25
C VAL C 58 -32.19 1.08 4.88
N ALA C 59 -31.40 1.67 3.98
CA ALA C 59 -31.25 1.16 2.62
C ALA C 59 -29.75 1.08 2.33
N LYS C 60 -29.39 0.23 1.38
CA LYS C 60 -27.99 0.02 1.02
C LYS C 60 -27.83 0.13 -0.48
N LEU C 61 -26.80 0.84 -0.91
CA LEU C 61 -26.47 0.92 -2.32
C LEU C 61 -25.05 0.41 -2.50
N ASN C 62 -24.91 -0.74 -3.14
CA ASN C 62 -23.60 -1.29 -3.43
C ASN C 62 -23.05 -0.62 -4.68
N ILE C 63 -21.98 0.17 -4.50
CA ILE C 63 -21.43 0.99 -5.58
C ILE C 63 -20.74 0.17 -6.67
N ASP C 64 -20.40 -1.09 -6.41
CA ASP C 64 -19.81 -1.91 -7.47
C ASP C 64 -20.85 -2.39 -8.46
N GLN C 65 -22.01 -2.80 -7.97
CA GLN C 65 -23.11 -3.18 -8.84
C GLN C 65 -23.89 -1.96 -9.32
N ASN C 66 -23.75 -0.81 -8.65
CA ASN C 66 -24.53 0.39 -8.94
C ASN C 66 -23.61 1.59 -8.98
N PRO C 67 -22.84 1.75 -10.06
CA PRO C 67 -21.80 2.80 -10.08
C PRO C 67 -22.31 4.20 -10.38
N GLY C 68 -23.60 4.36 -10.67
CA GLY C 68 -24.10 5.64 -11.15
C GLY C 68 -24.59 6.63 -10.11
N THR C 69 -24.93 6.16 -8.91
CA THR C 69 -25.64 7.02 -7.98
C THR C 69 -24.69 7.87 -7.13
N ALA C 70 -23.66 7.25 -6.55
CA ALA C 70 -22.73 7.99 -5.69
C ALA C 70 -22.14 9.23 -6.35
N PRO C 71 -21.69 9.22 -7.60
CA PRO C 71 -21.16 10.47 -8.18
C PRO C 71 -22.16 11.61 -8.16
N LYS C 72 -23.45 11.30 -8.28
CA LYS C 72 -24.47 12.35 -8.31
C LYS C 72 -24.55 13.09 -6.98
N TYR C 73 -24.15 12.46 -5.88
CA TYR C 73 -24.15 13.10 -4.56
C TYR C 73 -22.75 13.46 -4.09
N GLY C 74 -21.81 13.62 -5.02
CA GLY C 74 -20.46 14.01 -4.65
C GLY C 74 -19.77 13.04 -3.74
N ILE C 75 -20.22 11.79 -3.69
CA ILE C 75 -19.63 10.80 -2.80
C ILE C 75 -18.33 10.30 -3.41
N ARG C 76 -17.23 10.54 -2.71
CA ARG C 76 -15.91 10.15 -3.18
C ARG C 76 -15.24 9.15 -2.26
N GLY C 77 -15.90 8.74 -1.18
CA GLY C 77 -15.33 7.77 -0.27
C GLY C 77 -16.41 6.91 0.35
N ILE C 78 -15.99 5.74 0.84
CA ILE C 78 -16.93 4.83 1.49
C ILE C 78 -16.31 4.31 2.79
N PRO C 79 -17.13 3.91 3.78
CA PRO C 79 -18.59 3.99 3.75
C PRO C 79 -19.06 5.43 3.88
N THR C 80 -20.15 5.77 3.20
CA THR C 80 -20.81 7.05 3.38
C THR C 80 -22.26 6.81 3.69
N LEU C 81 -22.75 7.42 4.76
CA LEU C 81 -24.17 7.36 5.09
C LEU C 81 -24.79 8.71 4.76
N LEU C 82 -25.82 8.69 3.93
CA LEU C 82 -26.64 9.87 3.66
C LEU C 82 -28.01 9.68 4.28
N LEU C 83 -28.45 10.68 5.04
CA LEU C 83 -29.79 10.69 5.62
C LEU C 83 -30.68 11.56 4.72
N PHE C 84 -31.68 10.94 4.11
CA PHE C 84 -32.62 11.66 3.26
C PHE C 84 -33.92 11.90 4.02
N LYS C 85 -34.47 13.08 3.82
CA LYS C 85 -35.79 13.42 4.32
C LYS C 85 -36.52 14.10 3.18
N ASN C 86 -37.64 13.53 2.76
CA ASN C 86 -38.50 14.12 1.73
C ASN C 86 -37.72 14.54 0.49
N GLY C 87 -36.83 13.65 0.03
CA GLY C 87 -36.14 13.89 -1.21
C GLY C 87 -34.87 14.71 -1.12
N GLU C 88 -34.45 15.13 0.08
CA GLU C 88 -33.26 15.96 0.25
C GLU C 88 -32.33 15.37 1.29
N VAL C 89 -31.02 15.59 1.08
CA VAL C 89 -30.01 15.13 2.02
C VAL C 89 -30.09 15.98 3.28
N ALA C 90 -30.38 15.34 4.42
CA ALA C 90 -30.50 16.05 5.69
C ALA C 90 -29.27 15.91 6.58
N ALA C 91 -28.40 14.94 6.31
CA ALA C 91 -27.17 14.77 7.07
C ALA C 91 -26.29 13.78 6.34
N THR C 92 -24.99 13.82 6.64
CA THR C 92 -23.98 13.01 5.98
C THR C 92 -22.99 12.52 7.03
N LYS C 93 -22.63 11.25 7.01
CA LYS C 93 -21.58 10.74 7.89
C LYS C 93 -20.65 9.85 7.10
N VAL C 94 -19.37 10.20 7.04
CA VAL C 94 -18.39 9.48 6.24
C VAL C 94 -17.51 8.68 7.17
N GLY C 95 -17.37 7.38 6.89
CA GLY C 95 -16.37 6.58 7.56
C GLY C 95 -16.98 5.61 8.56
N ALA C 96 -16.18 4.63 8.96
CA ALA C 96 -16.61 3.63 9.92
C ALA C 96 -16.96 4.28 11.26
N LEU C 97 -17.91 3.67 11.96
CA LEU C 97 -18.23 4.09 13.33
C LEU C 97 -18.87 2.92 14.06
N SER C 98 -18.85 3.01 15.38
CA SER C 98 -19.43 1.98 16.24
C SER C 98 -20.94 2.14 16.33
N LYS C 99 -21.58 1.11 16.90
CA LYS C 99 -23.03 1.15 17.11
C LYS C 99 -23.42 2.37 17.95
N GLY C 100 -22.64 2.69 18.98
CA GLY C 100 -22.95 3.85 19.80
C GLY C 100 -22.76 5.16 19.07
N GLN C 101 -21.67 5.28 18.31
CA GLN C 101 -21.44 6.47 17.50
C GLN C 101 -22.54 6.64 16.45
N LEU C 102 -23.03 5.54 15.89
CA LEU C 102 -24.07 5.64 14.87
C LEU C 102 -25.38 6.10 15.50
N LYS C 103 -25.72 5.56 16.67
CA LYS C 103 -26.95 5.98 17.33
C LYS C 103 -26.88 7.44 17.74
N GLU C 104 -25.69 7.92 18.11
CA GLU C 104 -25.52 9.34 18.41
C GLU C 104 -25.83 10.20 17.18
N PHE C 105 -25.27 9.82 16.03
CA PHE C 105 -25.54 10.56 14.79
C PHE C 105 -27.02 10.55 14.42
N LEU C 106 -27.71 9.42 14.68
CA LEU C 106 -29.12 9.33 14.31
C LEU C 106 -30.00 10.15 15.25
N ASP C 107 -29.84 9.96 16.55
CA ASP C 107 -30.65 10.68 17.52
C ASP C 107 -30.50 12.19 17.36
N ALA C 108 -29.33 12.65 16.91
CA ALA C 108 -29.08 14.07 16.72
C ALA C 108 -29.68 14.61 15.42
N ASN C 109 -30.12 13.74 14.52
CA ASN C 109 -30.68 14.15 13.24
C ASN C 109 -32.12 13.72 13.02
N LEU C 110 -32.69 12.94 13.92
CA LEU C 110 -34.12 12.62 13.88
C LEU C 110 -34.83 13.35 15.02
C1 PEG D . 23.38 10.17 12.68
O1 PEG D . 24.14 10.68 11.61
C2 PEG D . 23.36 8.65 12.68
O2 PEG D . 24.61 8.11 13.01
C3 PEG D . 24.85 7.91 14.37
C4 PEG D . 26.29 7.42 14.58
O4 PEG D . 27.15 8.43 15.09
C1 PEG E . 27.81 -14.16 7.51
O1 PEG E . 28.78 -13.31 8.08
C2 PEG E . 26.48 -13.91 8.21
O2 PEG E . 26.45 -12.60 8.69
C3 PEG E . 25.32 -12.33 9.46
C4 PEG E . 25.54 -11.06 10.27
O4 PEG E . 24.97 -11.25 11.53
C1 PEG F . -36.57 12.25 -8.86
O1 PEG F . -37.47 11.22 -9.26
C2 PEG F . -37.24 13.63 -8.97
O2 PEG F . -36.89 14.48 -7.90
C3 PEG F . -37.61 15.70 -7.83
C4 PEG F . -38.42 15.80 -6.53
O4 PEG F . -39.60 16.54 -6.76
S SO4 G . -27.02 -4.85 -1.31
O1 SO4 G . -26.05 -5.68 -2.03
O2 SO4 G . -28.32 -4.95 -1.97
O3 SO4 G . -27.12 -5.31 0.08
O4 SO4 G . -26.61 -3.46 -1.37
#